data_2Z72
#
_entry.id   2Z72
#
_cell.length_a   55.565
_cell.length_b   77.306
_cell.length_c   81.029
_cell.angle_alpha   90.00
_cell.angle_beta   90.00
_cell.angle_gamma   90.00
#
_symmetry.space_group_name_H-M   'P 21 21 21'
#
loop_
_entity.id
_entity.type
_entity.pdbx_description
1 polymer Protein-tyrosine-phosphatase
2 non-polymer 'ZINC ION'
3 water water
#
_entity_poly.entity_id   1
_entity_poly.type   'polypeptide(L)'
_entity_poly.pdbx_seq_one_letter_code
;MGNTATEFDGPYVITPISGQSTAYWICDNRLKTTSIEKLQVNRPEHCGDLPETKLSSEIKQIMPDTYLGIKKVVALSDVH
GQYDVLLTLLKKQKIIDSDGNWAFGEGHMVMTGDIFDRGHQVNEVLWFMYQLDQQARDAGGMVHLLMGNHEQMVLGGDLR
YVHQRYDIATTLINRPYNKLYSADTEIGQWLRSKNTIIKINDVLYMHGGISSEWISRELTLDKANALYRANVDASKKSLK
ADDLLNFLFFGNGPTWYRGYFSETFTEAELDTILQHFNVNHIVVGHTSQERVLGLFHNKVIAVDSSIKVGKSGELLLLEN
NRLIRGLYDGTRETLQENSLNQ
;
_entity_poly.pdbx_strand_id   A
#
loop_
_chem_comp.id
_chem_comp.type
_chem_comp.name
_chem_comp.formula
ZN non-polymer 'ZINC ION' 'Zn 2'
#
# COMPACT_ATOMS: atom_id res chain seq x y z
N ALA A 5 4.96 22.56 20.01
CA ALA A 5 3.76 22.00 19.37
C ALA A 5 3.46 20.55 19.77
N THR A 6 2.30 20.30 20.41
CA THR A 6 1.95 18.94 20.78
C THR A 6 1.38 18.21 19.59
N GLU A 7 1.27 16.90 19.79
CA GLU A 7 0.67 16.18 18.72
C GLU A 7 -0.80 15.75 18.90
N PHE A 8 -1.42 15.52 17.76
CA PHE A 8 -2.67 14.79 17.62
C PHE A 8 -2.41 13.62 16.70
N ASP A 9 -2.79 12.43 17.10
CA ASP A 9 -2.45 11.23 16.32
C ASP A 9 -3.43 10.12 16.68
N GLY A 10 -3.73 9.30 15.72
CA GLY A 10 -4.60 8.15 15.91
C GLY A 10 -5.80 8.15 15.02
N PRO A 11 -6.78 7.27 15.26
CA PRO A 11 -6.78 6.36 16.38
C PRO A 11 -5.99 5.09 16.12
N TYR A 12 -5.58 4.46 17.23
CA TYR A 12 -5.04 3.12 17.25
C TYR A 12 -6.16 2.23 17.84
N VAL A 13 -6.72 1.33 17.02
CA VAL A 13 -7.88 0.57 17.39
C VAL A 13 -7.52 -0.87 17.67
N ILE A 14 -7.96 -1.34 18.85
CA ILE A 14 -7.82 -2.76 19.25
C ILE A 14 -9.12 -3.44 18.92
N THR A 15 -9.09 -4.57 18.24
CA THR A 15 -10.26 -5.33 17.86
C THR A 15 -10.14 -6.76 18.33
N PRO A 16 -10.80 -7.08 19.41
CA PRO A 16 -10.65 -8.46 19.97
C PRO A 16 -11.44 -9.45 19.23
N ILE A 17 -11.32 -10.72 19.47
CA ILE A 17 -12.06 -11.65 18.59
C ILE A 17 -13.55 -11.59 18.82
N SER A 18 -14.05 -11.19 19.97
CA SER A 18 -15.47 -11.03 20.18
C SER A 18 -15.67 -9.79 21.01
N GLY A 19 -16.75 -9.06 20.75
CA GLY A 19 -16.83 -7.91 21.67
C GLY A 19 -16.39 -6.61 21.02
N GLN A 20 -16.62 -5.53 21.75
CA GLN A 20 -16.37 -4.21 21.16
C GLN A 20 -14.88 -3.87 21.06
N SER A 21 -14.57 -3.09 20.04
CA SER A 21 -13.25 -2.53 19.86
C SER A 21 -13.06 -1.33 20.77
N THR A 22 -11.77 -0.93 20.93
CA THR A 22 -11.34 0.19 21.72
C THR A 22 -10.42 1.05 20.90
N ALA A 23 -10.55 2.34 20.99
CA ALA A 23 -9.71 3.28 20.26
C ALA A 23 -8.86 4.11 21.23
N TYR A 24 -7.58 4.22 20.89
CA TYR A 24 -6.62 5.04 21.57
C TYR A 24 -6.32 6.28 20.70
N TRP A 25 -6.40 7.45 21.27
CA TRP A 25 -6.24 8.72 20.59
C TRP A 25 -5.18 9.52 21.31
N ILE A 26 -4.25 10.10 20.56
CA ILE A 26 -3.34 11.10 21.10
C ILE A 26 -3.92 12.47 20.79
N CYS A 27 -4.34 13.17 21.85
CA CYS A 27 -5.00 14.48 21.70
C CYS A 27 -4.21 15.48 22.53
N ASP A 28 -3.48 16.39 21.92
CA ASP A 28 -2.68 17.40 22.64
C ASP A 28 -1.71 16.72 23.58
N ASN A 29 -1.00 15.73 23.13
CA ASN A 29 0.03 15.03 23.87
C ASN A 29 -0.49 14.30 25.13
N ARG A 30 -1.77 13.95 25.13
CA ARG A 30 -2.33 13.18 26.19
C ARG A 30 -3.15 12.05 25.54
N LEU A 31 -3.33 10.95 26.24
CA LEU A 31 -4.08 9.82 25.74
C LEU A 31 -5.53 9.92 26.11
N LYS A 32 -6.38 9.66 25.15
CA LYS A 32 -7.80 9.43 25.34
C LYS A 32 -8.11 8.03 24.84
N THR A 33 -8.90 7.27 25.59
CA THR A 33 -9.29 5.92 25.23
C THR A 33 -10.77 5.86 25.21
N THR A 34 -11.36 5.37 24.09
CA THR A 34 -12.78 5.28 23.92
C THR A 34 -13.20 3.84 23.58
N SER A 35 -14.41 3.54 24.01
CA SER A 35 -15.07 2.28 23.71
C SER A 35 -15.90 2.45 22.44
N ILE A 36 -15.70 1.60 21.44
CA ILE A 36 -16.40 1.81 20.18
C ILE A 36 -17.79 1.16 20.18
N GLU A 37 -18.79 2.00 19.89
CA GLU A 37 -20.20 1.67 19.88
C GLU A 37 -20.65 1.54 18.40
N LYS A 38 -21.27 0.40 18.08
CA LYS A 38 -21.95 0.21 16.80
C LYS A 38 -20.97 0.39 15.66
N LEU A 39 -19.74 -0.04 15.88
CA LEU A 39 -18.64 -0.01 14.88
C LEU A 39 -18.20 1.37 14.46
N GLN A 40 -18.62 2.44 15.12
CA GLN A 40 -18.31 3.80 14.69
C GLN A 40 -17.17 4.28 15.55
N VAL A 41 -16.06 4.51 14.90
CA VAL A 41 -14.89 5.03 15.60
C VAL A 41 -14.95 6.56 15.56
N ASN A 42 -15.48 7.09 16.66
CA ASN A 42 -15.74 8.50 16.83
C ASN A 42 -14.69 9.14 17.72
N ARG A 43 -14.20 10.31 17.26
CA ARG A 43 -13.13 10.99 17.99
C ARG A 43 -13.72 11.66 19.19
N PRO A 44 -13.03 11.65 20.31
CA PRO A 44 -13.49 12.48 21.40
C PRO A 44 -13.35 13.98 21.13
N GLU A 45 -13.96 14.75 22.03
CA GLU A 45 -13.77 16.22 21.93
C GLU A 45 -12.33 16.60 22.17
N HIS A 46 -11.93 17.78 21.78
CA HIS A 46 -10.59 18.26 22.05
C HIS A 46 -9.56 17.37 21.33
N CYS A 47 -9.95 16.80 20.21
CA CYS A 47 -8.98 15.95 19.55
C CYS A 47 -8.71 16.24 18.07
N GLY A 48 -8.64 17.53 17.68
CA GLY A 48 -8.23 17.82 16.34
C GLY A 48 -9.19 17.32 15.30
N ASP A 49 -8.64 16.88 14.20
CA ASP A 49 -9.45 16.46 13.07
C ASP A 49 -9.07 15.03 12.71
N LEU A 50 -8.70 14.30 13.79
CA LEU A 50 -8.27 12.93 13.55
C LEU A 50 -9.39 12.12 12.90
N PRO A 51 -8.99 11.14 12.08
CA PRO A 51 -10.04 10.45 11.29
C PRO A 51 -11.00 9.59 12.09
N GLU A 52 -12.23 9.54 11.63
CA GLU A 52 -13.31 8.77 12.10
C GLU A 52 -13.68 7.82 10.97
N THR A 53 -13.92 6.60 11.32
CA THR A 53 -14.13 5.49 10.41
C THR A 53 -15.18 4.54 10.97
N LYS A 54 -15.97 4.03 10.05
CA LYS A 54 -16.81 2.92 10.42
C LYS A 54 -16.01 1.66 10.18
N LEU A 55 -15.93 0.83 11.22
CA LEU A 55 -15.28 -0.45 11.04
C LEU A 55 -16.05 -1.36 10.09
N SER A 56 -15.28 -2.06 9.29
N SER A 56 -15.30 -2.14 9.32
CA SER A 56 -15.81 -2.87 8.19
CA SER A 56 -15.79 -3.11 8.35
C SER A 56 -15.98 -4.30 8.61
C SER A 56 -15.20 -4.47 8.60
N SER A 57 -17.04 -4.95 8.21
N SER A 57 -15.87 -5.59 8.47
CA SER A 57 -17.25 -6.37 8.37
CA SER A 57 -15.09 -6.84 8.53
C SER A 57 -16.78 -7.16 7.16
C SER A 57 -14.72 -7.34 7.15
N GLU A 58 -16.22 -6.67 6.07
N GLU A 58 -15.55 -6.88 6.21
CA GLU A 58 -15.85 -7.26 4.82
CA GLU A 58 -15.57 -7.27 4.83
C GLU A 58 -14.37 -7.03 4.39
C GLU A 58 -14.20 -7.10 4.22
N ILE A 59 -13.67 -5.90 4.55
CA ILE A 59 -12.44 -5.61 3.84
C ILE A 59 -11.22 -6.29 4.44
N LYS A 60 -11.39 -6.99 5.58
CA LYS A 60 -10.32 -7.82 6.09
C LYS A 60 -10.36 -9.24 5.51
N GLN A 61 -11.28 -9.54 4.61
CA GLN A 61 -11.27 -10.81 3.88
C GLN A 61 -10.09 -10.83 2.92
N ILE A 62 -9.44 -11.99 2.84
CA ILE A 62 -8.32 -12.16 1.90
C ILE A 62 -8.90 -12.31 0.51
N MET A 63 -8.42 -11.50 -0.41
CA MET A 63 -8.92 -11.45 -1.78
C MET A 63 -7.95 -12.13 -2.72
N PRO A 64 -8.44 -12.49 -3.91
CA PRO A 64 -7.55 -13.09 -4.92
C PRO A 64 -6.41 -12.16 -5.28
N ASP A 65 -5.38 -12.80 -5.84
CA ASP A 65 -4.21 -12.08 -6.33
C ASP A 65 -4.17 -11.98 -7.87
N THR A 66 -5.17 -12.49 -8.57
CA THR A 66 -5.20 -12.51 -10.01
C THR A 66 -6.57 -12.15 -10.48
N TYR A 67 -6.69 -11.28 -11.48
CA TYR A 67 -7.93 -10.72 -11.94
C TYR A 67 -7.92 -10.60 -13.48
N LEU A 68 -9.03 -10.90 -14.08
CA LEU A 68 -9.23 -10.78 -15.51
C LEU A 68 -10.31 -9.77 -15.81
N GLY A 69 -10.22 -9.14 -16.97
CA GLY A 69 -11.30 -8.34 -17.48
C GLY A 69 -11.62 -7.05 -16.77
N ILE A 70 -10.61 -6.46 -16.15
CA ILE A 70 -10.80 -5.22 -15.39
C ILE A 70 -10.62 -4.01 -16.32
N LYS A 71 -11.69 -3.27 -16.49
CA LYS A 71 -11.70 -2.20 -17.50
C LYS A 71 -10.76 -1.05 -17.17
N LYS A 72 -10.67 -0.68 -15.87
CA LYS A 72 -9.85 0.53 -15.57
C LYS A 72 -9.12 0.32 -14.27
N VAL A 73 -7.88 0.69 -14.29
CA VAL A 73 -6.99 0.51 -13.12
C VAL A 73 -6.23 1.82 -12.93
N VAL A 74 -6.03 2.23 -11.69
CA VAL A 74 -5.10 3.27 -11.33
C VAL A 74 -4.09 2.72 -10.36
N ALA A 75 -2.83 3.12 -10.51
CA ALA A 75 -1.76 2.64 -9.64
C ALA A 75 -0.92 3.80 -9.14
N LEU A 76 -0.45 3.65 -7.92
CA LEU A 76 0.38 4.64 -7.24
C LEU A 76 1.04 3.95 -6.07
N SER A 77 2.00 4.63 -5.41
CA SER A 77 2.82 3.92 -4.43
C SER A 77 3.61 4.88 -3.57
N ASP A 78 4.13 4.34 -2.48
CA ASP A 78 5.15 5.00 -1.65
C ASP A 78 4.69 6.36 -1.14
N VAL A 79 3.46 6.37 -0.59
CA VAL A 79 2.95 7.59 0.02
C VAL A 79 3.78 8.01 1.24
N HIS A 80 4.29 7.04 2.01
CA HIS A 80 5.22 7.36 3.10
C HIS A 80 4.68 8.45 4.00
N GLY A 81 3.43 8.28 4.43
CA GLY A 81 2.83 9.15 5.41
C GLY A 81 2.47 10.54 4.93
N GLN A 82 2.38 10.78 3.65
CA GLN A 82 2.04 12.11 3.10
C GLN A 82 0.58 12.11 2.65
N TYR A 83 -0.31 12.23 3.62
CA TYR A 83 -1.75 12.24 3.40
C TYR A 83 -2.20 13.39 2.53
N ASP A 84 -1.74 14.62 2.82
CA ASP A 84 -2.19 15.76 2.07
C ASP A 84 -1.87 15.60 0.60
N VAL A 85 -0.67 15.13 0.27
CA VAL A 85 -0.30 14.95 -1.13
C VAL A 85 -1.17 13.86 -1.79
N LEU A 86 -1.35 12.76 -1.10
CA LEU A 86 -2.23 11.73 -1.64
C LEU A 86 -3.62 12.22 -1.94
N LEU A 87 -4.22 12.95 -0.98
CA LEU A 87 -5.57 13.41 -1.15
C LEU A 87 -5.65 14.37 -2.32
N THR A 88 -4.71 15.31 -2.39
CA THR A 88 -4.72 16.27 -3.49
C THR A 88 -4.62 15.56 -4.86
N LEU A 89 -3.71 14.56 -4.93
CA LEU A 89 -3.54 13.86 -6.19
C LEU A 89 -4.84 13.17 -6.59
N LEU A 90 -5.49 12.48 -5.65
CA LEU A 90 -6.70 11.74 -5.98
C LEU A 90 -7.84 12.65 -6.32
N LYS A 91 -7.91 13.84 -5.66
CA LYS A 91 -8.91 14.82 -6.01
C LYS A 91 -8.68 15.35 -7.41
N LYS A 92 -7.41 15.73 -7.68
CA LYS A 92 -7.14 16.34 -8.99
C LYS A 92 -7.37 15.37 -10.13
N GLN A 93 -7.13 14.09 -9.89
CA GLN A 93 -7.29 13.05 -10.91
C GLN A 93 -8.70 12.47 -10.87
N LYS A 94 -9.61 12.96 -10.01
CA LYS A 94 -11.03 12.58 -10.00
C LYS A 94 -11.23 11.12 -9.64
N ILE A 95 -10.31 10.60 -8.80
CA ILE A 95 -10.42 9.27 -8.27
C ILE A 95 -11.39 9.27 -7.09
N ILE A 96 -11.44 10.41 -6.38
CA ILE A 96 -12.37 10.64 -5.31
C ILE A 96 -13.21 11.89 -5.64
N ASP A 97 -14.33 12.01 -4.94
CA ASP A 97 -15.29 13.10 -5.17
C ASP A 97 -15.00 14.27 -4.27
N SER A 98 -15.96 15.24 -4.34
CA SER A 98 -15.89 16.43 -3.60
C SER A 98 -16.07 16.22 -2.09
N ASP A 99 -16.55 15.08 -1.65
CA ASP A 99 -16.60 14.75 -0.22
C ASP A 99 -15.39 13.94 0.19
N GLY A 100 -14.47 13.61 -0.74
CA GLY A 100 -13.32 12.77 -0.40
C GLY A 100 -13.52 11.26 -0.52
N ASN A 101 -14.62 10.87 -1.15
CA ASN A 101 -15.04 9.49 -1.17
C ASN A 101 -14.70 8.91 -2.55
N TRP A 102 -14.57 7.59 -2.60
CA TRP A 102 -14.31 6.86 -3.84
C TRP A 102 -15.30 7.33 -4.95
N ALA A 103 -14.73 7.65 -6.12
CA ALA A 103 -15.48 8.10 -7.25
C ALA A 103 -15.05 7.34 -8.51
N PHE A 104 -14.38 6.22 -8.35
CA PHE A 104 -13.77 5.50 -9.46
C PHE A 104 -14.60 4.32 -9.91
N GLY A 105 -15.84 4.24 -9.42
CA GLY A 105 -16.75 3.23 -9.97
C GLY A 105 -16.27 1.81 -9.74
N GLU A 106 -16.34 1.02 -10.81
CA GLU A 106 -15.93 -0.35 -10.79
C GLU A 106 -14.44 -0.48 -11.11
N GLY A 107 -13.73 0.69 -11.17
CA GLY A 107 -12.30 0.63 -11.35
C GLY A 107 -11.60 -0.05 -10.19
N HIS A 108 -10.33 -0.45 -10.42
CA HIS A 108 -9.44 -0.97 -9.41
C HIS A 108 -8.31 0.01 -9.18
N MET A 109 -7.96 0.23 -7.90
CA MET A 109 -6.77 0.94 -7.53
C MET A 109 -5.74 -0.06 -7.01
N VAL A 110 -4.50 0.06 -7.44
CA VAL A 110 -3.41 -0.72 -6.88
C VAL A 110 -2.46 0.27 -6.22
N MET A 111 -2.38 0.20 -4.90
CA MET A 111 -1.37 0.98 -4.18
C MET A 111 -0.27 0.02 -3.79
N THR A 112 0.85 0.10 -4.48
CA THR A 112 1.90 -0.93 -4.40
C THR A 112 2.83 -0.74 -3.21
N GLY A 113 2.28 -0.50 -2.01
CA GLY A 113 3.07 -0.51 -0.79
C GLY A 113 3.60 0.84 -0.31
N ASP A 114 4.15 0.76 0.89
CA ASP A 114 4.90 1.86 1.53
C ASP A 114 4.07 3.07 1.86
N ILE A 115 2.94 2.78 2.58
CA ILE A 115 2.23 3.79 3.34
C ILE A 115 3.05 4.27 4.53
N PHE A 116 3.63 3.31 5.25
CA PHE A 116 4.39 3.63 6.46
C PHE A 116 5.71 4.36 6.17
N ASP A 117 6.13 5.09 7.20
CA ASP A 117 7.46 5.62 7.46
C ASP A 117 7.75 6.90 6.69
N ARG A 118 8.74 7.60 7.23
CA ARG A 118 9.24 8.90 6.85
C ARG A 118 8.29 10.02 7.19
N GLY A 119 7.05 9.95 6.76
CA GLY A 119 6.12 11.06 6.90
C GLY A 119 5.36 11.06 8.22
N HIS A 120 4.64 12.16 8.38
CA HIS A 120 3.99 12.57 9.60
C HIS A 120 2.50 12.35 9.67
N GLN A 121 1.91 11.77 8.63
CA GLN A 121 0.47 11.56 8.54
C GLN A 121 0.17 10.12 8.23
N VAL A 122 0.88 9.20 8.90
CA VAL A 122 0.70 7.76 8.62
C VAL A 122 -0.68 7.29 8.91
N ASN A 123 -1.25 7.59 10.09
CA ASN A 123 -2.56 7.11 10.40
C ASN A 123 -3.63 7.73 9.55
N GLU A 124 -3.50 8.96 9.13
CA GLU A 124 -4.41 9.59 8.19
C GLU A 124 -4.43 8.77 6.90
N VAL A 125 -3.28 8.41 6.38
CA VAL A 125 -3.24 7.59 5.19
C VAL A 125 -3.88 6.26 5.41
N LEU A 126 -3.55 5.59 6.52
CA LEU A 126 -4.08 4.25 6.76
C LEU A 126 -5.58 4.24 6.83
N TRP A 127 -6.15 5.15 7.64
CA TRP A 127 -7.61 5.14 7.79
C TRP A 127 -8.30 5.59 6.53
N PHE A 128 -7.71 6.49 5.77
CA PHE A 128 -8.25 6.88 4.50
C PHE A 128 -8.29 5.67 3.57
N MET A 129 -7.21 4.93 3.51
CA MET A 129 -7.16 3.75 2.60
C MET A 129 -8.10 2.67 3.06
N TYR A 130 -8.31 2.51 4.36
CA TYR A 130 -9.28 1.54 4.89
C TYR A 130 -10.67 1.92 4.41
N GLN A 131 -11.05 3.19 4.61
CA GLN A 131 -12.36 3.65 4.14
C GLN A 131 -12.46 3.49 2.62
N LEU A 132 -11.43 3.83 1.87
CA LEU A 132 -11.50 3.74 0.41
C LEU A 132 -11.70 2.29 0.01
N ASP A 133 -11.04 1.35 0.68
CA ASP A 133 -11.19 -0.08 0.41
C ASP A 133 -12.66 -0.45 0.50
N GLN A 134 -13.35 -0.08 1.58
CA GLN A 134 -14.75 -0.37 1.73
C GLN A 134 -15.59 0.34 0.69
N GLN A 135 -15.34 1.62 0.43
CA GLN A 135 -16.13 2.34 -0.53
C GLN A 135 -15.99 1.76 -1.96
N ALA A 136 -14.77 1.36 -2.31
CA ALA A 136 -14.54 0.80 -3.64
C ALA A 136 -15.36 -0.50 -3.76
N ARG A 137 -15.31 -1.34 -2.74
CA ARG A 137 -16.09 -2.57 -2.76
C ARG A 137 -17.55 -2.29 -2.92
N ASP A 138 -18.08 -1.32 -2.17
CA ASP A 138 -19.50 -0.97 -2.27
C ASP A 138 -19.87 -0.51 -3.66
N ALA A 139 -18.98 0.11 -4.41
CA ALA A 139 -19.18 0.55 -5.78
C ALA A 139 -18.95 -0.55 -6.79
N GLY A 140 -18.54 -1.75 -6.38
CA GLY A 140 -18.21 -2.73 -7.39
C GLY A 140 -16.80 -2.70 -7.94
N GLY A 141 -15.95 -1.84 -7.37
CA GLY A 141 -14.55 -1.76 -7.69
C GLY A 141 -13.72 -2.40 -6.58
N MET A 142 -12.44 -2.04 -6.58
CA MET A 142 -11.54 -2.62 -5.59
C MET A 142 -10.38 -1.70 -5.31
N VAL A 143 -9.93 -1.67 -4.04
CA VAL A 143 -8.60 -1.21 -3.72
C VAL A 143 -7.76 -2.43 -3.38
N HIS A 144 -6.64 -2.55 -4.05
CA HIS A 144 -5.60 -3.52 -3.77
C HIS A 144 -4.48 -2.77 -3.07
N LEU A 145 -4.44 -2.90 -1.73
CA LEU A 145 -3.32 -2.34 -0.99
C LEU A 145 -2.29 -3.46 -0.87
N LEU A 146 -1.14 -3.31 -1.52
CA LEU A 146 -0.11 -4.31 -1.46
C LEU A 146 0.86 -3.96 -0.35
N MET A 147 1.44 -5.00 0.27
CA MET A 147 2.51 -4.81 1.25
C MET A 147 3.82 -4.41 0.62
N GLY A 148 4.40 -3.32 1.10
CA GLY A 148 5.73 -2.92 0.72
C GLY A 148 6.74 -3.28 1.73
N ASN A 149 8.02 -2.91 1.50
CA ASN A 149 9.03 -3.23 2.48
C ASN A 149 8.80 -2.50 3.80
N HIS A 150 8.27 -1.28 3.76
CA HIS A 150 8.04 -0.62 5.07
C HIS A 150 6.89 -1.20 5.83
N GLU A 151 5.83 -1.71 5.22
CA GLU A 151 4.82 -2.47 5.96
C GLU A 151 5.45 -3.65 6.67
N GLN A 152 6.31 -4.40 5.93
CA GLN A 152 6.94 -5.56 6.51
C GLN A 152 7.87 -5.18 7.67
N MET A 153 8.63 -4.12 7.47
CA MET A 153 9.57 -3.66 8.50
C MET A 153 8.80 -3.26 9.77
N VAL A 154 7.78 -2.41 9.64
CA VAL A 154 7.02 -1.95 10.79
C VAL A 154 6.41 -3.12 11.51
N LEU A 155 5.70 -3.98 10.79
CA LEU A 155 4.98 -5.05 11.45
C LEU A 155 5.98 -5.99 12.14
N GLY A 156 7.17 -6.13 11.58
CA GLY A 156 8.18 -7.00 12.13
C GLY A 156 9.09 -6.39 13.18
N GLY A 157 8.97 -5.11 13.45
CA GLY A 157 9.84 -4.51 14.46
C GLY A 157 11.10 -3.84 13.99
N ASP A 158 11.21 -3.57 12.70
CA ASP A 158 12.32 -2.77 12.17
C ASP A 158 11.81 -1.35 12.05
N LEU A 159 12.21 -0.52 13.04
CA LEU A 159 11.61 0.77 13.22
C LEU A 159 12.54 1.91 12.87
N ARG A 160 13.55 1.62 12.06
CA ARG A 160 14.56 2.63 11.71
C ARG A 160 13.99 3.87 11.06
N TYR A 161 12.87 3.79 10.36
CA TYR A 161 12.38 4.83 9.49
C TYR A 161 11.10 5.49 9.97
N VAL A 162 10.65 5.19 11.16
CA VAL A 162 9.45 5.75 11.75
C VAL A 162 9.70 7.21 12.15
N HIS A 163 8.78 8.11 11.79
CA HIS A 163 8.90 9.51 12.17
C HIS A 163 8.92 9.63 13.69
N GLN A 164 9.83 10.53 14.16
CA GLN A 164 10.02 10.77 15.60
C GLN A 164 8.81 11.08 16.34
N ARG A 165 7.80 11.65 15.79
CA ARG A 165 6.52 12.11 16.33
C ARG A 165 5.78 10.93 16.94
N TYR A 166 6.00 9.72 16.43
CA TYR A 166 5.28 8.55 16.89
C TYR A 166 5.81 8.06 18.22
N ASP A 167 6.87 8.69 18.70
CA ASP A 167 7.30 8.36 20.08
C ASP A 167 6.25 8.79 21.13
N ILE A 168 5.44 9.78 20.81
CA ILE A 168 4.37 10.17 21.72
C ILE A 168 3.42 9.01 21.88
N ALA A 169 2.93 8.44 20.77
CA ALA A 169 1.99 7.33 20.84
C ALA A 169 2.62 6.14 21.52
N THR A 170 3.85 5.78 21.21
CA THR A 170 4.43 4.60 21.84
C THR A 170 4.62 4.78 23.32
N THR A 171 4.95 5.99 23.75
CA THR A 171 5.10 6.27 25.21
C THR A 171 3.74 6.23 25.85
N LEU A 172 2.74 6.95 25.33
CA LEU A 172 1.44 7.07 26.00
C LEU A 172 0.63 5.81 26.00
N ILE A 173 0.74 5.05 24.92
CA ILE A 173 0.05 3.75 24.83
C ILE A 173 0.91 2.63 25.38
N ASN A 174 2.14 2.98 25.72
CA ASN A 174 3.04 2.09 26.39
C ASN A 174 3.28 0.77 25.68
N ARG A 175 3.59 0.89 24.40
CA ARG A 175 3.99 -0.27 23.62
C ARG A 175 4.79 0.21 22.43
N PRO A 176 5.66 -0.67 21.97
CA PRO A 176 6.51 -0.25 20.84
C PRO A 176 5.73 -0.14 19.55
N TYR A 177 6.26 0.58 18.55
CA TYR A 177 5.50 0.95 17.39
C TYR A 177 4.96 -0.25 16.61
N ASN A 178 5.74 -1.31 16.53
CA ASN A 178 5.23 -2.53 15.88
C ASN A 178 4.00 -3.05 16.56
N LYS A 179 3.88 -2.90 17.85
CA LYS A 179 2.72 -3.40 18.60
C LYS A 179 1.54 -2.46 18.51
N LEU A 180 1.69 -1.27 17.93
CA LEU A 180 0.56 -0.44 17.59
C LEU A 180 -0.12 -0.91 16.32
N TYR A 181 0.47 -1.86 15.65
CA TYR A 181 -0.04 -2.43 14.37
C TYR A 181 0.01 -3.95 14.38
N SER A 182 -0.05 -4.53 15.58
CA SER A 182 -0.01 -5.99 15.74
C SER A 182 -1.32 -6.64 15.36
N ALA A 183 -1.34 -7.98 15.46
CA ALA A 183 -2.54 -8.73 15.09
C ALA A 183 -3.74 -8.49 15.98
N ASP A 184 -3.58 -7.83 17.11
CA ASP A 184 -4.65 -7.47 17.99
C ASP A 184 -5.34 -6.16 17.57
N THR A 185 -4.75 -5.49 16.60
CA THR A 185 -5.22 -4.21 16.19
C THR A 185 -6.04 -4.31 14.90
N GLU A 186 -7.00 -3.42 14.73
CA GLU A 186 -7.80 -3.36 13.52
C GLU A 186 -6.94 -3.18 12.28
N ILE A 187 -6.06 -2.19 12.29
CA ILE A 187 -5.18 -1.93 11.13
C ILE A 187 -4.27 -3.13 10.90
N GLY A 188 -3.73 -3.70 11.96
CA GLY A 188 -2.86 -4.84 11.81
C GLY A 188 -3.58 -6.00 11.21
N GLN A 189 -4.81 -6.27 11.58
CA GLN A 189 -5.60 -7.37 11.03
C GLN A 189 -5.87 -7.11 9.55
N TRP A 190 -6.25 -5.89 9.22
CA TRP A 190 -6.48 -5.49 7.83
C TRP A 190 -5.23 -5.69 7.00
N LEU A 191 -4.07 -5.22 7.44
CA LEU A 191 -2.84 -5.36 6.69
C LEU A 191 -2.47 -6.82 6.51
N ARG A 192 -2.68 -7.66 7.52
CA ARG A 192 -2.33 -9.08 7.47
C ARG A 192 -3.21 -9.88 6.51
N SER A 193 -4.28 -9.27 5.98
CA SER A 193 -5.10 -9.87 4.97
C SER A 193 -4.60 -9.60 3.53
N LYS A 194 -3.66 -8.66 3.40
CA LYS A 194 -3.29 -8.15 2.08
C LYS A 194 -2.32 -9.04 1.35
N ASN A 195 -2.39 -8.89 0.02
CA ASN A 195 -1.44 -9.49 -0.91
C ASN A 195 -0.19 -8.62 -0.98
N THR A 196 0.83 -9.23 -1.61
CA THR A 196 2.11 -8.61 -1.87
C THR A 196 2.38 -8.47 -3.36
N ILE A 197 1.95 -9.47 -4.17
CA ILE A 197 2.11 -9.46 -5.59
C ILE A 197 0.75 -9.79 -6.22
N ILE A 198 0.32 -9.02 -7.20
CA ILE A 198 -0.94 -9.34 -7.90
C ILE A 198 -0.77 -9.17 -9.41
N LYS A 199 -1.70 -9.79 -10.12
CA LYS A 199 -1.79 -9.70 -11.58
C LYS A 199 -3.18 -9.23 -11.94
N ILE A 200 -3.29 -8.16 -12.68
CA ILE A 200 -4.56 -7.70 -13.20
C ILE A 200 -4.42 -7.60 -14.71
N ASN A 201 -5.24 -8.34 -15.44
CA ASN A 201 -5.16 -8.34 -16.93
C ASN A 201 -3.74 -8.78 -17.27
N ASP A 202 -3.07 -8.04 -18.14
CA ASP A 202 -1.74 -8.35 -18.63
C ASP A 202 -0.66 -7.56 -17.90
N VAL A 203 -0.90 -7.23 -16.60
CA VAL A 203 0.04 -6.42 -15.84
C VAL A 203 0.28 -7.07 -14.47
N LEU A 204 1.54 -7.12 -14.08
CA LEU A 204 1.96 -7.60 -12.74
C LEU A 204 2.32 -6.40 -11.88
N TYR A 205 1.93 -6.43 -10.62
CA TYR A 205 2.12 -5.31 -9.68
C TYR A 205 2.78 -5.85 -8.40
N MET A 206 3.81 -5.16 -7.93
CA MET A 206 4.41 -5.41 -6.64
C MET A 206 5.30 -4.20 -6.28
N HIS A 207 5.76 -4.22 -5.02
CA HIS A 207 6.44 -3.04 -4.55
C HIS A 207 7.81 -2.81 -5.19
N GLY A 208 8.68 -3.80 -5.18
CA GLY A 208 10.07 -3.68 -5.62
C GLY A 208 10.29 -4.15 -7.03
N GLY A 209 10.05 -5.46 -7.24
CA GLY A 209 10.21 -6.07 -8.57
C GLY A 209 10.52 -7.53 -8.40
N ILE A 210 10.43 -8.28 -9.54
CA ILE A 210 10.66 -9.70 -9.55
C ILE A 210 12.01 -9.95 -10.24
N SER A 211 12.89 -10.59 -9.50
CA SER A 211 14.20 -11.02 -9.95
C SER A 211 14.14 -12.43 -10.53
N SER A 212 15.18 -12.82 -11.22
CA SER A 212 15.23 -14.14 -11.86
C SER A 212 15.22 -15.25 -10.83
N GLU A 213 15.61 -14.95 -9.60
CA GLU A 213 15.54 -15.96 -8.48
C GLU A 213 14.13 -16.45 -8.26
N TRP A 214 13.11 -15.62 -8.50
CA TRP A 214 11.72 -16.09 -8.43
C TRP A 214 11.51 -17.36 -9.27
N ILE A 215 12.03 -17.27 -10.50
CA ILE A 215 11.87 -18.35 -11.49
C ILE A 215 12.58 -19.61 -11.10
N SER A 216 13.81 -19.40 -10.59
CA SER A 216 14.58 -20.60 -10.21
C SER A 216 13.97 -21.27 -9.00
N ARG A 217 13.34 -20.53 -8.09
CA ARG A 217 12.63 -21.09 -6.94
C ARG A 217 11.23 -21.61 -7.26
N GLU A 218 10.79 -21.48 -8.52
CA GLU A 218 9.55 -22.04 -8.99
C GLU A 218 8.42 -21.50 -8.12
N LEU A 219 8.46 -20.23 -7.77
CA LEU A 219 7.39 -19.63 -6.98
C LEU A 219 6.16 -19.37 -7.81
N THR A 220 5.03 -19.22 -7.12
CA THR A 220 3.77 -18.79 -7.66
C THR A 220 3.24 -17.62 -6.83
N LEU A 221 2.37 -16.84 -7.43
CA LEU A 221 1.72 -15.74 -6.70
C LEU A 221 1.07 -16.27 -5.42
N ASP A 222 0.28 -17.36 -5.50
CA ASP A 222 -0.45 -17.77 -4.32
C ASP A 222 0.49 -18.23 -3.22
N LYS A 223 1.50 -18.98 -3.60
CA LYS A 223 2.44 -19.50 -2.61
C LYS A 223 3.15 -18.35 -1.90
N ALA A 224 3.62 -17.38 -2.67
CA ALA A 224 4.33 -16.24 -2.07
C ALA A 224 3.41 -15.42 -1.21
N ASN A 225 2.23 -15.07 -1.71
CA ASN A 225 1.31 -14.22 -0.95
C ASN A 225 0.91 -14.89 0.36
N ALA A 226 0.70 -16.20 0.37
CA ALA A 226 0.38 -16.89 1.57
C ALA A 226 1.54 -16.92 2.55
N LEU A 227 2.75 -17.15 2.05
CA LEU A 227 3.92 -17.12 2.96
C LEU A 227 4.14 -15.75 3.55
N TYR A 228 3.89 -14.71 2.76
CA TYR A 228 4.04 -13.36 3.30
C TYR A 228 3.03 -13.12 4.43
N ARG A 229 1.79 -13.55 4.27
CA ARG A 229 0.83 -13.34 5.33
C ARG A 229 1.21 -14.15 6.57
N ALA A 230 1.68 -15.37 6.39
CA ALA A 230 1.96 -16.27 7.49
C ALA A 230 3.20 -15.93 8.25
N ASN A 231 4.09 -15.15 7.66
CA ASN A 231 5.41 -14.96 8.25
C ASN A 231 5.77 -13.54 8.46
N VAL A 232 4.89 -12.57 8.22
CA VAL A 232 5.28 -11.18 8.52
C VAL A 232 5.57 -10.98 10.01
N ASP A 233 5.08 -11.87 10.86
CA ASP A 233 5.30 -11.88 12.30
C ASP A 233 6.37 -12.87 12.73
N ALA A 234 7.09 -13.46 11.79
CA ALA A 234 8.20 -14.33 12.19
C ALA A 234 9.35 -13.46 12.69
N SER A 235 10.21 -14.09 13.53
CA SER A 235 11.46 -13.42 13.88
C SER A 235 12.38 -13.26 12.69
N LYS A 236 13.22 -12.21 12.81
CA LYS A 236 14.29 -12.04 11.80
C LYS A 236 15.13 -13.31 11.69
N LYS A 237 15.47 -13.94 12.81
CA LYS A 237 16.27 -15.17 12.75
C LYS A 237 15.57 -16.18 11.88
N SER A 238 14.28 -16.37 12.13
CA SER A 238 13.55 -17.40 11.36
C SER A 238 13.48 -17.03 9.88
N LEU A 239 13.23 -15.74 9.62
CA LEU A 239 13.12 -15.31 8.21
C LEU A 239 14.42 -15.54 7.47
N LYS A 240 15.53 -15.24 8.15
CA LYS A 240 16.84 -15.36 7.59
C LYS A 240 17.21 -16.83 7.42
N ALA A 241 16.79 -17.70 8.31
CA ALA A 241 17.25 -19.07 8.27
C ALA A 241 16.51 -19.90 7.27
N ASP A 242 15.27 -19.50 6.94
CA ASP A 242 14.50 -20.25 5.92
C ASP A 242 14.90 -19.72 4.54
N ASP A 243 15.46 -20.55 3.66
CA ASP A 243 15.96 -20.05 2.39
C ASP A 243 14.91 -19.30 1.62
N LEU A 244 13.70 -19.85 1.62
CA LEU A 244 12.67 -19.23 0.81
C LEU A 244 12.15 -17.94 1.43
N LEU A 245 11.92 -17.94 2.73
CA LEU A 245 11.51 -16.72 3.39
C LEU A 245 12.59 -15.65 3.26
N ASN A 246 13.85 -16.05 3.34
CA ASN A 246 14.95 -15.10 3.22
C ASN A 246 14.90 -14.38 1.88
N PHE A 247 14.69 -15.17 0.83
CA PHE A 247 14.47 -14.59 -0.52
C PHE A 247 13.32 -13.62 -0.52
N LEU A 248 12.14 -14.05 -0.06
CA LEU A 248 10.94 -13.26 -0.14
C LEU A 248 11.02 -11.96 0.62
N PHE A 249 11.67 -11.99 1.80
CA PHE A 249 11.64 -10.83 2.66
C PHE A 249 12.81 -9.89 2.51
N PHE A 250 13.88 -10.27 1.87
CA PHE A 250 15.07 -9.41 1.85
C PHE A 250 15.48 -8.98 0.48
N GLY A 251 16.75 -8.62 0.24
CA GLY A 251 17.16 -7.71 -0.80
C GLY A 251 16.90 -8.01 -2.22
N ASN A 252 16.81 -9.31 -2.56
CA ASN A 252 16.57 -9.66 -3.96
C ASN A 252 15.10 -10.00 -4.23
N GLY A 253 14.25 -9.89 -3.21
CA GLY A 253 12.90 -10.36 -3.28
C GLY A 253 11.90 -9.28 -3.70
N PRO A 254 10.64 -9.70 -3.81
CA PRO A 254 9.66 -8.80 -4.40
C PRO A 254 9.48 -7.44 -3.78
N THR A 255 9.73 -7.29 -2.48
CA THR A 255 9.50 -6.00 -1.84
C THR A 255 10.74 -5.14 -1.66
N TRP A 256 11.91 -5.64 -2.04
CA TRP A 256 13.15 -4.84 -1.97
C TRP A 256 13.88 -4.73 -3.28
N TYR A 257 13.65 -5.62 -4.25
CA TYR A 257 14.47 -5.67 -5.44
C TYR A 257 14.41 -4.38 -6.22
N ARG A 258 15.60 -3.89 -6.57
CA ARG A 258 15.72 -2.68 -7.34
C ARG A 258 16.39 -2.88 -8.70
N GLY A 259 16.48 -4.13 -9.14
CA GLY A 259 17.20 -4.47 -10.34
C GLY A 259 16.65 -3.76 -11.56
N TYR A 260 15.33 -3.49 -11.65
CA TYR A 260 14.78 -2.86 -12.86
C TYR A 260 15.36 -1.44 -13.07
N PHE A 261 15.92 -0.87 -12.01
CA PHE A 261 16.49 0.47 -12.02
C PHE A 261 17.99 0.50 -12.10
N SER A 262 18.60 -0.65 -12.21
CA SER A 262 20.01 -0.83 -12.38
C SER A 262 20.41 -0.52 -13.82
N GLU A 263 21.50 0.22 -13.99
CA GLU A 263 21.94 0.56 -15.30
C GLU A 263 22.43 -0.67 -16.09
N THR A 264 22.68 -1.81 -15.50
CA THR A 264 23.05 -3.01 -16.24
C THR A 264 21.96 -3.99 -16.54
N PHE A 265 20.80 -3.82 -15.91
CA PHE A 265 19.66 -4.65 -16.21
C PHE A 265 19.26 -4.44 -17.64
N THR A 266 19.03 -5.60 -18.29
CA THR A 266 18.78 -5.52 -19.71
C THR A 266 17.33 -5.86 -20.02
N GLU A 267 16.86 -5.25 -21.11
CA GLU A 267 15.52 -5.52 -21.59
C GLU A 267 15.34 -6.98 -21.94
N ALA A 268 16.34 -7.62 -22.48
CA ALA A 268 16.25 -9.08 -22.74
C ALA A 268 15.89 -9.90 -21.51
N GLU A 269 16.46 -9.58 -20.39
CA GLU A 269 16.30 -10.21 -19.09
C GLU A 269 14.87 -9.89 -18.63
N LEU A 270 14.48 -8.63 -18.82
CA LEU A 270 13.08 -8.30 -18.50
C LEU A 270 12.09 -9.14 -19.30
N ASP A 271 12.38 -9.32 -20.58
CA ASP A 271 11.48 -10.10 -21.41
C ASP A 271 11.30 -11.50 -20.85
N THR A 272 12.36 -12.04 -20.28
CA THR A 272 12.17 -13.40 -19.73
C THR A 272 11.24 -13.38 -18.52
N ILE A 273 11.27 -12.33 -17.75
CA ILE A 273 10.33 -12.24 -16.63
C ILE A 273 8.92 -11.98 -17.08
N LEU A 274 8.72 -11.06 -18.03
CA LEU A 274 7.42 -10.81 -18.57
C LEU A 274 6.80 -12.13 -19.10
N GLN A 275 7.60 -12.89 -19.87
CA GLN A 275 7.14 -14.15 -20.44
C GLN A 275 6.77 -15.15 -19.35
N HIS A 276 7.56 -15.17 -18.27
CA HIS A 276 7.30 -16.13 -17.22
C HIS A 276 5.90 -15.96 -16.63
N PHE A 277 5.45 -14.71 -16.47
CA PHE A 277 4.16 -14.40 -15.89
C PHE A 277 3.07 -14.16 -16.93
N ASN A 278 3.42 -14.24 -18.23
CA ASN A 278 2.49 -13.94 -19.30
C ASN A 278 1.82 -12.58 -19.13
N VAL A 279 2.70 -11.58 -18.92
CA VAL A 279 2.28 -10.19 -18.83
C VAL A 279 3.02 -9.37 -19.86
N ASN A 280 2.47 -8.19 -20.12
CA ASN A 280 3.11 -7.23 -20.96
C ASN A 280 3.79 -6.08 -20.24
N HIS A 281 3.53 -5.89 -18.94
CA HIS A 281 4.06 -4.81 -18.18
C HIS A 281 4.18 -5.27 -16.72
N ILE A 282 5.13 -4.64 -16.03
CA ILE A 282 5.29 -4.78 -14.59
C ILE A 282 5.31 -3.38 -13.98
N VAL A 283 4.48 -3.16 -12.99
CA VAL A 283 4.32 -1.87 -12.33
C VAL A 283 4.91 -2.00 -10.92
N VAL A 284 5.85 -1.13 -10.61
CA VAL A 284 6.55 -1.20 -9.33
C VAL A 284 6.68 0.19 -8.68
N GLY A 285 6.81 0.16 -7.38
CA GLY A 285 7.12 1.36 -6.60
C GLY A 285 8.55 1.30 -6.13
N HIS A 286 8.80 1.61 -4.86
CA HIS A 286 9.97 1.41 -4.06
C HIS A 286 11.17 2.27 -4.38
N THR A 287 11.51 2.41 -5.63
CA THR A 287 12.62 3.17 -6.14
C THR A 287 12.09 4.49 -6.70
N SER A 288 12.35 5.59 -5.94
CA SER A 288 11.62 6.82 -6.18
C SER A 288 12.11 7.52 -7.44
N GLN A 289 11.14 7.96 -8.22
CA GLN A 289 11.33 8.72 -9.45
C GLN A 289 10.72 10.12 -9.36
N GLU A 290 11.09 11.00 -10.27
CA GLU A 290 10.56 12.37 -10.27
C GLU A 290 9.14 12.44 -10.76
N ARG A 291 8.66 11.35 -11.40
CA ARG A 291 7.36 11.31 -12.05
C ARG A 291 7.03 9.87 -12.31
N VAL A 292 5.78 9.57 -12.62
CA VAL A 292 5.44 8.22 -13.17
C VAL A 292 6.12 8.13 -14.54
N LEU A 293 6.84 7.04 -14.77
CA LEU A 293 7.55 6.94 -16.04
C LEU A 293 7.70 5.47 -16.38
N GLY A 294 7.92 5.30 -17.67
CA GLY A 294 8.23 3.98 -18.19
C GLY A 294 9.69 3.76 -18.50
N LEU A 295 10.10 2.50 -18.33
CA LEU A 295 11.43 2.02 -18.70
C LEU A 295 11.28 0.83 -19.64
N PHE A 296 12.30 0.61 -20.44
CA PHE A 296 12.36 -0.58 -21.32
C PHE A 296 11.15 -0.64 -22.23
N HIS A 297 10.97 0.43 -23.05
CA HIS A 297 9.86 0.47 -23.98
C HIS A 297 8.55 0.25 -23.22
N ASN A 298 8.43 0.89 -22.05
CA ASN A 298 7.29 0.87 -21.15
C ASN A 298 6.85 -0.53 -20.71
N LYS A 299 7.78 -1.44 -20.69
CA LYS A 299 7.59 -2.76 -20.08
C LYS A 299 7.62 -2.72 -18.55
N VAL A 300 8.32 -1.74 -17.98
CA VAL A 300 8.26 -1.46 -16.55
C VAL A 300 7.70 -0.05 -16.41
N ILE A 301 6.72 0.09 -15.53
CA ILE A 301 6.26 1.44 -15.17
C ILE A 301 6.55 1.63 -13.70
N ALA A 302 7.32 2.73 -13.45
CA ALA A 302 7.69 3.14 -12.10
C ALA A 302 6.62 4.07 -11.58
N VAL A 303 6.00 3.72 -10.45
CA VAL A 303 4.93 4.52 -9.87
C VAL A 303 5.26 5.00 -8.45
N ASP A 304 6.51 4.94 -8.05
CA ASP A 304 6.94 5.75 -6.91
C ASP A 304 7.33 7.09 -7.51
N SER A 305 6.47 8.07 -7.37
CA SER A 305 6.67 9.41 -7.90
C SER A 305 7.14 10.41 -6.89
N SER A 306 7.77 9.90 -5.84
CA SER A 306 8.33 10.75 -4.78
C SER A 306 7.30 11.51 -3.97
N ILE A 307 6.12 10.93 -3.79
CA ILE A 307 5.17 11.48 -2.84
C ILE A 307 5.87 11.68 -1.47
N LYS A 308 6.83 10.84 -1.12
CA LYS A 308 7.48 10.89 0.17
C LYS A 308 8.11 12.23 0.46
N VAL A 309 8.45 13.00 -0.58
CA VAL A 309 9.11 14.30 -0.38
C VAL A 309 8.11 15.32 0.10
N GLY A 310 6.80 15.06 -0.02
CA GLY A 310 5.80 15.89 0.62
C GLY A 310 5.27 17.04 -0.21
N LYS A 311 5.60 17.08 -1.49
CA LYS A 311 5.19 18.19 -2.36
C LYS A 311 4.21 17.82 -3.46
N SER A 312 4.41 16.64 -4.10
CA SER A 312 3.56 16.29 -5.25
C SER A 312 3.64 14.79 -5.46
N GLY A 313 2.76 14.28 -6.33
CA GLY A 313 2.82 12.93 -6.79
C GLY A 313 2.01 12.79 -8.04
N GLU A 314 1.99 11.65 -8.67
CA GLU A 314 1.43 11.21 -9.88
C GLU A 314 0.93 9.79 -9.74
N LEU A 315 0.08 9.44 -10.70
CA LEU A 315 -0.45 8.07 -10.79
C LEU A 315 -0.36 7.59 -12.21
N LEU A 316 -0.62 6.29 -12.38
CA LEU A 316 -0.73 5.61 -13.64
C LEU A 316 -2.16 5.16 -13.84
N LEU A 317 -2.71 5.43 -15.00
CA LEU A 317 -4.03 4.98 -15.39
C LEU A 317 -3.87 3.99 -16.52
N LEU A 318 -4.52 2.84 -16.37
CA LEU A 318 -4.53 1.79 -17.43
C LEU A 318 -5.95 1.57 -17.85
N GLU A 319 -6.31 1.97 -19.07
CA GLU A 319 -7.66 1.96 -19.54
C GLU A 319 -7.65 2.02 -21.07
N ASN A 320 -8.57 1.34 -21.70
CA ASN A 320 -8.68 1.39 -23.16
C ASN A 320 -7.34 1.12 -23.87
N ASN A 321 -6.57 0.20 -23.34
CA ASN A 321 -5.30 -0.21 -23.93
C ASN A 321 -4.29 0.90 -24.06
N ARG A 322 -4.41 1.87 -23.13
CA ARG A 322 -3.47 2.94 -22.98
C ARG A 322 -2.82 2.86 -21.58
N LEU A 323 -1.64 3.41 -21.52
CA LEU A 323 -0.97 3.71 -20.26
C LEU A 323 -0.87 5.21 -20.17
N ILE A 324 -1.45 5.80 -19.13
CA ILE A 324 -1.56 7.25 -19.00
C ILE A 324 -0.94 7.71 -17.71
N ARG A 325 -0.10 8.71 -17.78
CA ARG A 325 0.46 9.42 -16.64
C ARG A 325 -0.55 10.48 -16.19
N GLY A 326 -0.94 10.41 -14.93
CA GLY A 326 -1.83 11.40 -14.31
C GLY A 326 -1.00 12.28 -13.40
N LEU A 327 -0.87 13.53 -13.83
CA LEU A 327 -0.04 14.49 -13.13
C LEU A 327 -0.76 15.09 -11.91
N TYR A 328 0.05 15.67 -11.03
CA TYR A 328 -0.46 16.26 -9.79
C TYR A 328 -1.41 17.39 -10.03
N ASP A 329 -1.27 18.12 -11.16
CA ASP A 329 -2.13 19.25 -11.49
C ASP A 329 -3.43 18.83 -12.16
N GLY A 330 -3.65 17.49 -12.33
CA GLY A 330 -4.93 17.04 -12.87
C GLY A 330 -4.85 16.81 -14.37
N THR A 331 -3.73 17.17 -15.00
CA THR A 331 -3.54 16.88 -16.43
C THR A 331 -3.04 15.46 -16.61
N ARG A 332 -3.04 14.98 -17.86
CA ARG A 332 -2.72 13.63 -18.25
C ARG A 332 -1.77 13.64 -19.43
N GLU A 333 -0.88 12.68 -19.55
CA GLU A 333 0.01 12.46 -20.68
C GLU A 333 0.05 10.99 -21.00
N THR A 334 -0.12 10.66 -22.24
CA THR A 334 -0.11 9.24 -22.62
C THR A 334 1.32 8.73 -22.69
N LEU A 335 1.59 7.59 -22.06
CA LEU A 335 2.90 6.96 -22.16
C LEU A 335 2.95 5.97 -23.31
N GLN A 336 1.84 5.22 -23.48
CA GLN A 336 1.75 4.17 -24.50
C GLN A 336 0.30 4.14 -24.96
N GLU A 337 0.11 4.02 -26.29
CA GLU A 337 -1.26 3.75 -26.76
C GLU A 337 -1.21 2.68 -27.79
N ASN A 338 -2.27 1.88 -27.62
CA ASN A 338 -2.29 0.48 -28.11
C ASN A 338 -1.00 -0.27 -27.77
N SER A 339 0.05 -0.31 -28.61
CA SER A 339 1.33 -0.81 -28.06
C SER A 339 2.47 0.15 -28.42
N LEU A 340 2.05 1.33 -28.89
CA LEU A 340 2.98 2.30 -29.48
C LEU A 340 3.52 3.22 -28.44
N ASN A 341 4.85 3.20 -28.24
CA ASN A 341 5.39 4.06 -27.19
C ASN A 341 5.45 5.48 -27.68
N GLN A 342 5.08 6.35 -26.74
CA GLN A 342 5.02 7.79 -27.10
C GLN A 342 6.36 8.48 -26.88
ZN ZN B . 9.16 3.62 -0.37
ZN ZN C . 10.04 0.51 -0.58
#